data_7P5E
#
_entry.id   7P5E
#
_cell.length_a   103.569
_cell.length_b   103.569
_cell.length_c   56.069
_cell.angle_alpha   90.000
_cell.angle_beta   90.000
_cell.angle_gamma   120.000
#
_symmetry.space_group_name_H-M   'P 61'
#
loop_
_entity.id
_entity.type
_entity.pdbx_description
1 polymer 'Kelch-like ECH-associated protein 1'
2 non-polymer 'DIMETHYL SULFOXIDE'
3 non-polymer 'CHLORIDE ION'
4 non-polymer '1-[6-[3-(dimethylcarbamoyl)phenyl]pyridin-2-yl]-5-(trifluoromethyl)pyrazole-4-carboxylic acid'
5 water water
#
_entity_poly.entity_id   1
_entity_poly.type   'polypeptide(L)'
_entity_poly.pdbx_seq_one_letter_code
;MGSSHHHHHHSSGLVPRGPKVGRLIYTAGGYFRQSLSYLEAYNPSNGSWLRLADLQVPRSGLAGCVVGGLLYAVGGRNNS
PDGNTDSSALDCYNPMTNQWSPCASMSVPRNRIGVGVIDGHIYAVGGSHGCIHHSSVERYEPERDEWHLVAPMLTRRIGV
GVAVLNRLLYAVGGFDGTNRLNSAECYYPERNEWRMITPMNTIRSGAGVCVLHNCIYAAGGYDGQDQLNSVERYDVETET
WTFVAPMRHHRSALGITVHQGKIYVLGGYDGHTFLDSVECYDPDSDTWSEVTRMTSGRSGVGVAVTMEPCRKQIDQQNCT
C
;
_entity_poly.pdbx_strand_id   A
#
loop_
_chem_comp.id
_chem_comp.type
_chem_comp.name
_chem_comp.formula
5VX non-polymer '1-[6-[3-(dimethylcarbamoyl)phenyl]pyridin-2-yl]-5-(trifluoromethyl)pyrazole-4-carboxylic acid' 'C19 H15 F3 N4 O3'
CL non-polymer 'CHLORIDE ION' 'Cl -1'
DMS non-polymer 'DIMETHYL SULFOXIDE' 'C2 H6 O S'
#
# COMPACT_ATOMS: atom_id res chain seq x y z
N GLY A 22 -16.32 -4.41 15.73
CA GLY A 22 -15.79 -3.14 15.15
C GLY A 22 -14.42 -3.31 14.52
N ARG A 23 -14.20 -2.61 13.42
CA ARG A 23 -12.97 -2.70 12.67
C ARG A 23 -12.29 -1.33 12.67
N LEU A 24 -10.96 -1.35 12.72
CA LEU A 24 -10.15 -0.16 12.72
C LEU A 24 -9.25 -0.11 11.49
N ILE A 25 -8.92 1.12 11.12
CA ILE A 25 -7.93 1.39 10.13
C ILE A 25 -6.59 1.62 10.85
N TYR A 26 -5.67 0.70 10.60
CA TYR A 26 -4.33 0.71 11.21
C TYR A 26 -3.37 1.37 10.22
N THR A 27 -2.58 2.36 10.71
CA THR A 27 -1.50 2.97 9.95
C THR A 27 -0.18 2.67 10.68
N ALA A 28 0.76 2.10 9.95
CA ALA A 28 2.03 1.66 10.49
C ALA A 28 3.16 2.37 9.75
N GLY A 29 4.11 2.86 10.56
CA GLY A 29 5.31 3.49 10.04
C GLY A 29 5.05 4.81 9.35
N GLY A 30 5.89 5.07 8.36
CA GLY A 30 5.81 6.28 7.53
C GLY A 30 7.05 7.14 7.70
N TYR A 31 6.93 8.40 7.29
CA TYR A 31 8.09 9.28 7.17
C TYR A 31 7.71 10.73 7.51
N PHE A 32 8.45 11.31 8.45
CA PHE A 32 8.50 12.74 8.68
C PHE A 32 9.87 13.04 9.27
N ARG A 33 10.73 13.69 8.51
CA ARG A 33 12.12 13.97 8.94
C ARG A 33 12.93 12.68 8.87
N GLN A 34 12.39 11.58 9.37
CA GLN A 34 13.03 10.27 9.26
C GLN A 34 11.94 9.21 9.26
N SER A 35 12.31 7.96 9.11
CA SER A 35 11.30 6.89 9.14
C SER A 35 10.75 6.76 10.56
N LEU A 36 9.48 6.32 10.67
CA LEU A 36 8.69 6.39 11.92
C LEU A 36 8.35 4.98 12.42
N SER A 37 8.13 4.80 13.72
CA SER A 37 7.79 3.47 14.19
C SER A 37 6.32 3.41 14.63
N TYR A 38 5.56 4.47 14.37
CA TYR A 38 4.22 4.62 14.93
C TYR A 38 3.30 3.48 14.44
N LEU A 39 2.48 2.95 15.35
CA LEU A 39 1.29 2.22 14.96
C LEU A 39 0.09 2.89 15.65
N GLU A 40 -0.86 3.33 14.82
CA GLU A 40 -2.05 3.99 15.32
C GLU A 40 -3.28 3.43 14.59
N ALA A 41 -4.41 3.42 15.28
CA ALA A 41 -5.63 2.84 14.76
C ALA A 41 -6.75 3.85 14.89
N TYR A 42 -7.40 4.09 13.77
CA TYR A 42 -8.51 4.99 13.66
C TYR A 42 -9.82 4.20 13.57
N ASN A 43 -10.81 4.67 14.33
CA ASN A 43 -12.13 4.04 14.43
C ASN A 43 -13.15 4.94 13.71
N PRO A 44 -13.51 4.60 12.47
CA PRO A 44 -14.52 5.35 11.74
C PRO A 44 -15.84 5.51 12.50
N SER A 45 -16.21 4.54 13.34
CA SER A 45 -17.49 4.59 14.07
C SER A 45 -17.54 5.74 15.07
N ASN A 46 -16.41 6.22 15.58
CA ASN A 46 -16.44 7.26 16.63
C ASN A 46 -15.38 8.35 16.44
N GLY A 47 -14.53 8.29 15.41
CA GLY A 47 -13.58 9.38 15.10
C GLY A 47 -12.27 9.30 15.90
N SER A 48 -12.14 8.27 16.75
CA SER A 48 -11.06 8.19 17.74
C SER A 48 -9.80 7.56 17.13
N TRP A 49 -8.64 7.95 17.65
CA TRP A 49 -7.35 7.36 17.30
C TRP A 49 -6.77 6.70 18.54
N LEU A 50 -6.20 5.50 18.43
CA LEU A 50 -5.42 4.87 19.52
C LEU A 50 -3.97 4.70 19.05
N ARG A 51 -3.02 5.06 19.92
CA ARG A 51 -1.64 4.71 19.69
C ARG A 51 -1.40 3.34 20.31
N LEU A 52 -0.83 2.42 19.52
CA LEU A 52 -0.59 1.03 19.94
C LEU A 52 0.93 0.78 19.94
N ALA A 53 1.36 -0.47 20.11
CA ALA A 53 2.79 -0.76 20.24
C ALA A 53 3.58 -0.35 18.98
N ASP A 54 4.69 0.35 19.21
CA ASP A 54 5.58 0.74 18.10
C ASP A 54 6.12 -0.47 17.35
N LEU A 55 6.36 -0.28 16.06
CA LEU A 55 7.20 -1.19 15.29
C LEU A 55 8.54 -1.36 16.01
N GLN A 56 9.13 -2.55 15.88
CA GLN A 56 10.47 -2.80 16.46
C GLN A 56 11.53 -1.97 15.73
N VAL A 57 11.35 -1.73 14.43
CA VAL A 57 12.28 -1.00 13.57
C VAL A 57 11.51 0.08 12.81
N PRO A 58 11.93 1.35 12.90
CA PRO A 58 11.24 2.37 12.10
C PRO A 58 11.29 2.00 10.62
N ARG A 59 10.23 2.38 9.91
CA ARG A 59 10.23 2.11 8.49
C ARG A 59 9.20 3.00 7.78
N SER A 60 9.62 3.46 6.60
CA SER A 60 8.81 4.12 5.62
C SER A 60 8.82 3.27 4.34
N GLY A 61 7.87 3.50 3.45
CA GLY A 61 7.84 2.82 2.18
C GLY A 61 7.50 1.34 2.30
N LEU A 62 6.92 0.99 3.44
CA LEU A 62 6.44 -0.37 3.75
C LEU A 62 4.99 -0.51 3.27
N ALA A 63 4.49 -1.75 3.29
CA ALA A 63 3.05 -1.98 3.07
C ALA A 63 2.49 -2.76 4.26
N GLY A 64 1.19 -2.53 4.51
CA GLY A 64 0.42 -3.30 5.46
C GLY A 64 -0.57 -4.22 4.75
N CYS A 65 -0.88 -5.34 5.41
CA CYS A 65 -1.96 -6.23 4.98
C CYS A 65 -2.44 -7.05 6.18
N VAL A 66 -3.59 -7.70 6.03
CA VAL A 66 -4.12 -8.52 7.10
C VAL A 66 -4.38 -9.93 6.57
N VAL A 67 -4.06 -10.93 7.39
CA VAL A 67 -4.37 -12.32 7.14
C VAL A 67 -4.76 -12.94 8.47
N GLY A 68 -5.97 -13.51 8.51
CA GLY A 68 -6.45 -14.22 9.65
C GLY A 68 -6.56 -13.29 10.85
N GLY A 69 -6.99 -12.07 10.63
CA GLY A 69 -7.10 -11.08 11.73
C GLY A 69 -5.76 -10.50 12.16
N LEU A 70 -4.63 -10.99 11.65
CA LEU A 70 -3.31 -10.46 12.04
C LEU A 70 -2.85 -9.41 11.03
N LEU A 71 -2.21 -8.36 11.57
CA LEU A 71 -1.70 -7.26 10.79
C LEU A 71 -0.22 -7.54 10.49
N TYR A 72 0.14 -7.43 9.24
CA TYR A 72 1.51 -7.63 8.82
C TYR A 72 2.09 -6.34 8.26
N ALA A 73 3.35 -6.04 8.64
CA ALA A 73 4.11 -4.95 8.07
C ALA A 73 5.26 -5.53 7.24
N VAL A 74 5.39 -5.10 5.99
CA VAL A 74 6.23 -5.80 5.00
C VAL A 74 7.18 -4.78 4.35
N GLY A 75 8.48 -5.07 4.42
CA GLY A 75 9.43 -4.26 3.67
C GLY A 75 9.57 -2.84 4.20
N GLY A 76 9.95 -1.93 3.30
CA GLY A 76 10.22 -0.49 3.60
C GLY A 76 11.70 -0.19 3.73
N ARG A 77 12.02 0.86 4.48
CA ARG A 77 13.38 1.35 4.65
C ARG A 77 13.43 2.17 5.93
N ASN A 78 14.49 1.98 6.71
CA ASN A 78 14.72 2.85 7.86
C ASN A 78 15.64 4.01 7.42
N ASN A 79 15.03 5.13 7.06
CA ASN A 79 15.76 6.38 6.84
C ASN A 79 16.01 7.01 8.22
N SER A 80 17.25 7.07 8.67
CA SER A 80 17.54 7.54 10.02
C SER A 80 18.88 8.29 10.04
N PRO A 81 19.09 9.20 11.02
CA PRO A 81 20.38 9.93 11.08
C PRO A 81 21.59 8.98 11.09
N ASP A 82 21.44 7.82 11.73
CA ASP A 82 22.53 6.85 11.85
C ASP A 82 22.72 5.88 10.69
N GLY A 83 21.98 6.08 9.61
CA GLY A 83 22.16 5.26 8.40
C GLY A 83 20.83 4.90 7.77
N ASN A 84 20.87 4.45 6.51
CA ASN A 84 19.67 4.15 5.77
C ASN A 84 19.68 2.67 5.41
N THR A 85 18.66 1.93 5.84
CA THR A 85 18.67 0.49 5.64
C THR A 85 17.33 0.03 5.06
N ASP A 86 17.39 -0.51 3.83
CA ASP A 86 16.24 -1.14 3.20
C ASP A 86 15.88 -2.40 3.99
N SER A 87 14.56 -2.66 4.10
CA SER A 87 14.01 -3.74 4.93
C SER A 87 13.56 -4.92 4.07
N SER A 88 14.01 -6.10 4.44
CA SER A 88 13.41 -7.36 3.95
C SER A 88 12.47 -7.97 5.00
N ALA A 89 12.10 -7.21 6.03
CA ALA A 89 11.42 -7.75 7.21
C ALA A 89 9.92 -7.94 6.94
N LEU A 90 9.40 -9.00 7.56
CA LEU A 90 7.99 -9.22 7.72
C LEU A 90 7.74 -9.33 9.23
N ASP A 91 6.85 -8.49 9.74
CA ASP A 91 6.50 -8.48 11.15
C ASP A 91 4.99 -8.51 11.29
N CYS A 92 4.58 -9.25 12.30
CA CYS A 92 3.19 -9.56 12.56
C CYS A 92 2.74 -8.87 13.87
N TYR A 93 1.62 -8.14 13.80
CA TYR A 93 0.98 -7.50 14.97
C TYR A 93 -0.35 -8.22 15.29
N ASN A 94 -0.44 -8.72 16.52
CA ASN A 94 -1.66 -9.35 17.04
C ASN A 94 -2.45 -8.35 17.90
N PRO A 95 -3.60 -7.89 17.40
CA PRO A 95 -4.44 -6.98 18.19
C PRO A 95 -4.85 -7.52 19.57
N MET A 96 -4.98 -8.85 19.67
CA MET A 96 -5.38 -9.45 20.95
C MET A 96 -4.33 -9.19 22.03
N THR A 97 -3.04 -9.14 21.66
CA THR A 97 -1.91 -9.03 22.60
C THR A 97 -1.25 -7.64 22.55
N ASN A 98 -1.52 -6.84 21.51
CA ASN A 98 -0.83 -5.58 21.29
C ASN A 98 0.69 -5.82 21.19
N GLN A 99 1.10 -6.87 20.50
CA GLN A 99 2.52 -7.19 20.37
C GLN A 99 2.89 -7.52 18.93
N TRP A 100 4.07 -7.04 18.56
CA TRP A 100 4.69 -7.32 17.28
C TRP A 100 5.58 -8.54 17.45
N SER A 101 5.57 -9.43 16.46
CA SER A 101 6.45 -10.59 16.41
C SER A 101 7.10 -10.63 15.03
N PRO A 102 8.42 -10.86 14.98
CA PRO A 102 9.08 -11.08 13.70
C PRO A 102 8.63 -12.39 13.03
N CYS A 103 8.49 -12.34 11.72
CA CYS A 103 8.32 -13.50 10.87
C CYS A 103 9.56 -13.69 9.99
N ALA A 104 9.56 -14.73 9.16
CA ALA A 104 10.66 -14.96 8.23
C ALA A 104 10.85 -13.73 7.34
N SER A 105 12.10 -13.40 7.04
CA SER A 105 12.39 -12.26 6.14
C SER A 105 12.31 -12.70 4.68
N MET A 106 12.07 -11.72 3.82
CA MET A 106 11.98 -11.90 2.39
C MET A 106 13.36 -12.21 1.80
N SER A 107 13.37 -12.65 0.55
CA SER A 107 14.63 -12.98 -0.14
C SER A 107 15.53 -11.74 -0.27
N VAL A 108 14.91 -10.58 -0.33
CA VAL A 108 15.61 -9.37 -0.67
C VAL A 108 14.97 -8.18 0.06
N PRO A 109 15.76 -7.14 0.37
CA PRO A 109 15.10 -5.91 0.83
C PRO A 109 14.20 -5.32 -0.27
N ARG A 110 13.06 -4.78 0.14
CA ARG A 110 12.09 -4.15 -0.79
C ARG A 110 11.51 -2.89 -0.14
N ASN A 111 12.11 -1.76 -0.43
CA ASN A 111 11.60 -0.46 -0.07
C ASN A 111 10.60 -0.02 -1.15
N ARG A 112 9.55 0.72 -0.74
CA ARG A 112 8.51 1.23 -1.66
C ARG A 112 7.84 0.04 -2.37
N ILE A 113 7.47 -0.92 -1.53
CA ILE A 113 6.91 -2.21 -1.89
C ILE A 113 5.40 -2.05 -2.11
N GLY A 114 4.84 -2.97 -2.86
CA GLY A 114 3.40 -3.23 -2.82
C GLY A 114 3.11 -4.66 -2.42
N VAL A 115 1.95 -4.89 -1.79
CA VAL A 115 1.60 -6.19 -1.29
CA VAL A 115 1.61 -6.22 -1.32
C VAL A 115 0.13 -6.50 -1.65
N GLY A 116 -0.19 -7.77 -1.76
CA GLY A 116 -1.58 -8.23 -1.91
C GLY A 116 -1.75 -9.60 -1.30
N VAL A 117 -2.94 -9.87 -0.80
CA VAL A 117 -3.22 -11.14 -0.18
C VAL A 117 -4.15 -11.94 -1.10
N ILE A 118 -3.76 -13.18 -1.41
CA ILE A 118 -4.66 -14.12 -2.07
C ILE A 118 -4.65 -15.43 -1.30
N ASP A 119 -5.86 -15.90 -0.96
CA ASP A 119 -6.00 -17.24 -0.40
C ASP A 119 -5.10 -17.40 0.82
N GLY A 120 -5.03 -16.36 1.65
CA GLY A 120 -4.26 -16.46 2.91
C GLY A 120 -2.75 -16.36 2.71
N HIS A 121 -2.29 -16.01 1.51
CA HIS A 121 -0.88 -15.86 1.25
C HIS A 121 -0.59 -14.40 0.89
N ILE A 122 0.57 -13.93 1.29
CA ILE A 122 0.98 -12.55 1.07
C ILE A 122 1.90 -12.48 -0.13
N TYR A 123 1.55 -11.70 -1.15
CA TYR A 123 2.50 -11.44 -2.22
C TYR A 123 3.21 -10.10 -2.00
N ALA A 124 4.54 -10.15 -2.01
CA ALA A 124 5.38 -8.98 -1.95
C ALA A 124 5.89 -8.67 -3.36
N VAL A 125 5.63 -7.45 -3.85
CA VAL A 125 5.82 -7.10 -5.24
C VAL A 125 6.82 -5.93 -5.36
N GLY A 126 7.85 -6.11 -6.14
CA GLY A 126 8.70 -4.99 -6.57
C GLY A 126 9.47 -4.35 -5.42
N GLY A 127 9.62 -3.03 -5.49
CA GLY A 127 10.35 -2.26 -4.49
C GLY A 127 11.83 -2.10 -4.86
N SER A 128 12.55 -1.31 -4.06
CA SER A 128 13.98 -1.03 -4.31
C SER A 128 14.86 -1.60 -3.20
N HIS A 129 16.11 -1.88 -3.59
CA HIS A 129 17.19 -2.18 -2.70
C HIS A 129 18.38 -1.36 -3.21
N GLY A 130 18.67 -0.23 -2.55
CA GLY A 130 19.61 0.74 -3.14
C GLY A 130 19.19 1.09 -4.56
N CYS A 131 20.12 1.08 -5.49
CA CYS A 131 19.77 1.39 -6.88
C CYS A 131 19.14 0.18 -7.59
N ILE A 132 18.96 -0.94 -6.91
CA ILE A 132 18.27 -2.09 -7.54
C ILE A 132 16.76 -1.84 -7.50
N HIS A 133 16.15 -1.83 -8.68
CA HIS A 133 14.70 -1.71 -8.82
C HIS A 133 14.15 -3.08 -9.20
N HIS A 134 13.36 -3.69 -8.33
CA HIS A 134 12.99 -5.10 -8.48
C HIS A 134 11.80 -5.30 -9.44
N SER A 135 11.89 -6.34 -10.27
CA SER A 135 10.70 -6.92 -10.93
C SER A 135 10.25 -8.19 -10.19
N SER A 136 11.07 -8.67 -9.24
CA SER A 136 10.83 -9.94 -8.57
C SER A 136 9.60 -9.82 -7.66
N VAL A 137 9.05 -11.01 -7.35
CA VAL A 137 7.82 -11.19 -6.59
C VAL A 137 7.97 -12.49 -5.79
N GLU A 138 7.51 -12.45 -4.55
CA GLU A 138 7.62 -13.61 -3.67
C GLU A 138 6.36 -13.69 -2.81
N ARG A 139 6.11 -14.90 -2.33
CA ARG A 139 4.84 -15.24 -1.68
C ARG A 139 5.11 -15.86 -0.31
N TYR A 140 4.50 -15.31 0.73
CA TYR A 140 4.60 -15.78 2.10
C TYR A 140 3.41 -16.68 2.47
N GLU A 141 3.71 -17.81 3.07
CA GLU A 141 2.72 -18.74 3.61
C GLU A 141 2.78 -18.75 5.15
N PRO A 142 1.83 -18.05 5.80
CA PRO A 142 1.80 -17.97 7.26
C PRO A 142 1.87 -19.32 7.98
N GLU A 143 1.24 -20.36 7.45
CA GLU A 143 1.19 -21.67 8.11
C GLU A 143 2.59 -22.30 8.17
N ARG A 144 3.48 -21.86 7.30
CA ARG A 144 4.79 -22.46 7.14
C ARG A 144 5.89 -21.45 7.58
N ASP A 145 5.51 -20.19 7.82
CA ASP A 145 6.48 -19.10 7.99
C ASP A 145 7.59 -19.15 6.91
N GLU A 146 7.20 -19.21 5.62
CA GLU A 146 8.17 -19.36 4.52
C GLU A 146 7.81 -18.45 3.35
N TRP A 147 8.84 -17.80 2.79
CA TRP A 147 8.71 -17.09 1.54
C TRP A 147 9.23 -17.95 0.39
N HIS A 148 8.57 -17.83 -0.77
CA HIS A 148 9.01 -18.47 -2.00
C HIS A 148 8.83 -17.49 -3.16
N LEU A 149 9.82 -17.42 -4.04
CA LEU A 149 9.73 -16.55 -5.22
C LEU A 149 8.71 -17.13 -6.19
N VAL A 150 8.05 -16.25 -6.94
CA VAL A 150 7.18 -16.66 -8.01
C VAL A 150 7.66 -15.97 -9.30
N ALA A 151 6.90 -16.07 -10.38
CA ALA A 151 7.29 -15.40 -11.61
C ALA A 151 7.48 -13.91 -11.33
N PRO A 152 8.55 -13.30 -11.89
CA PRO A 152 8.73 -11.86 -11.79
C PRO A 152 7.77 -11.13 -12.74
N MET A 153 7.49 -9.89 -12.41
CA MET A 153 6.71 -9.00 -13.27
C MET A 153 7.45 -8.78 -14.59
N LEU A 154 6.71 -8.34 -15.58
CA LEU A 154 7.27 -7.97 -16.87
C LEU A 154 8.07 -6.65 -16.79
N THR A 155 7.86 -5.87 -15.75
CA THR A 155 8.47 -4.58 -15.56
C THR A 155 9.01 -4.43 -14.14
N ARG A 156 10.16 -3.76 -14.02
CA ARG A 156 10.64 -3.34 -12.70
C ARG A 156 9.71 -2.26 -12.17
N ARG A 157 9.25 -2.38 -10.94
CA ARG A 157 8.34 -1.40 -10.39
C ARG A 157 8.65 -1.19 -8.91
N ILE A 158 8.99 0.05 -8.58
CA ILE A 158 9.02 0.47 -7.23
C ILE A 158 7.96 1.56 -7.09
N GLY A 159 7.46 1.72 -5.90
CA GLY A 159 6.35 2.59 -5.65
C GLY A 159 5.11 2.07 -6.36
N VAL A 160 5.05 0.74 -6.46
CA VAL A 160 4.02 0.02 -7.18
C VAL A 160 2.75 -0.09 -6.33
N GLY A 161 1.61 0.15 -6.97
CA GLY A 161 0.34 -0.12 -6.36
C GLY A 161 -0.08 -1.56 -6.63
N VAL A 162 -0.58 -2.22 -5.61
CA VAL A 162 -1.00 -3.62 -5.72
C VAL A 162 -2.43 -3.78 -5.19
N ALA A 163 -3.25 -4.51 -5.95
CA ALA A 163 -4.61 -4.86 -5.49
C ALA A 163 -4.93 -6.30 -5.89
N VAL A 164 -5.94 -6.87 -5.25
CA VAL A 164 -6.41 -8.22 -5.54
C VAL A 164 -7.92 -8.11 -5.82
N LEU A 165 -8.32 -8.71 -6.93
CA LEU A 165 -9.73 -8.78 -7.34
C LEU A 165 -9.95 -10.15 -7.99
N ASN A 166 -10.97 -10.83 -7.52
CA ASN A 166 -11.33 -12.13 -8.09
C ASN A 166 -10.12 -13.07 -8.09
N ARG A 167 -9.32 -13.03 -7.01
CA ARG A 167 -8.14 -13.88 -6.80
C ARG A 167 -7.12 -13.75 -7.95
N LEU A 168 -7.02 -12.56 -8.52
CA LEU A 168 -5.95 -12.19 -9.41
C LEU A 168 -5.24 -10.98 -8.79
N LEU A 169 -3.93 -10.89 -9.02
CA LEU A 169 -3.09 -9.85 -8.41
C LEU A 169 -2.67 -8.85 -9.49
N TYR A 170 -2.89 -7.58 -9.21
CA TYR A 170 -2.57 -6.52 -10.14
C TYR A 170 -1.44 -5.64 -9.57
N ALA A 171 -0.48 -5.31 -10.43
CA ALA A 171 0.62 -4.37 -10.15
C ALA A 171 0.43 -3.14 -11.04
N VAL A 172 0.35 -1.97 -10.43
CA VAL A 172 -0.12 -0.76 -11.10
C VAL A 172 0.88 0.39 -10.91
N GLY A 173 1.35 0.92 -12.04
CA GLY A 173 2.28 2.06 -12.09
C GLY A 173 3.61 1.78 -11.41
N GLY A 174 4.14 2.83 -10.79
CA GLY A 174 5.42 2.81 -10.13
C GLY A 174 6.52 3.44 -10.97
N PHE A 175 7.73 3.06 -10.62
CA PHE A 175 8.97 3.62 -11.19
C PHE A 175 9.92 2.47 -11.50
N ASP A 176 10.45 2.47 -12.72
CA ASP A 176 11.22 1.34 -13.20
C ASP A 176 12.75 1.54 -13.10
N GLY A 177 13.17 2.63 -12.43
CA GLY A 177 14.55 3.03 -12.38
C GLY A 177 14.86 4.19 -13.28
N THR A 178 14.05 4.39 -14.33
CA THR A 178 14.25 5.48 -15.27
C THR A 178 12.99 6.34 -15.39
N ASN A 179 11.83 5.72 -15.62
CA ASN A 179 10.60 6.47 -15.84
C ASN A 179 9.53 6.05 -14.83
N ARG A 180 8.71 7.01 -14.44
CA ARG A 180 7.43 6.70 -13.83
C ARG A 180 6.50 6.13 -14.92
N LEU A 181 5.57 5.27 -14.51
CA LEU A 181 4.83 4.36 -15.42
C LEU A 181 3.32 4.58 -15.34
N ASN A 182 2.67 4.50 -16.50
CA ASN A 182 1.21 4.39 -16.56
C ASN A 182 0.80 2.92 -16.72
N SER A 183 1.76 2.03 -16.91
CA SER A 183 1.48 0.65 -17.27
C SER A 183 0.97 -0.13 -16.06
N ALA A 184 0.31 -1.25 -16.33
CA ALA A 184 -0.11 -2.13 -15.26
C ALA A 184 -0.17 -3.56 -15.79
N GLU A 185 -0.06 -4.52 -14.88
CA GLU A 185 -0.07 -5.92 -15.27
C GLU A 185 -0.76 -6.75 -14.18
N CYS A 186 -1.12 -7.96 -14.59
CA CYS A 186 -1.92 -8.89 -13.81
C CYS A 186 -1.22 -10.24 -13.75
N TYR A 187 -1.24 -10.82 -12.54
CA TYR A 187 -0.63 -12.11 -12.21
C TYR A 187 -1.73 -13.15 -12.00
N TYR A 188 -1.63 -14.22 -12.77
CA TYR A 188 -2.56 -15.35 -12.83
C TYR A 188 -1.91 -16.51 -12.08
N PRO A 189 -2.25 -16.67 -10.79
CA PRO A 189 -1.56 -17.63 -9.94
C PRO A 189 -1.49 -19.06 -10.49
N GLU A 190 -2.57 -19.58 -11.04
CA GLU A 190 -2.58 -20.98 -11.46
C GLU A 190 -1.68 -21.15 -12.71
N ARG A 191 -1.30 -20.06 -13.38
CA ARG A 191 -0.39 -20.14 -14.55
C ARG A 191 1.00 -19.59 -14.16
N ASN A 192 1.13 -19.06 -12.95
CA ASN A 192 2.36 -18.39 -12.53
C ASN A 192 2.86 -17.48 -13.65
N GLU A 193 2.04 -16.53 -14.06
CA GLU A 193 2.32 -15.76 -15.24
C GLU A 193 1.74 -14.36 -15.08
N TRP A 194 2.53 -13.37 -15.52
CA TRP A 194 2.17 -11.97 -15.59
C TRP A 194 1.79 -11.60 -17.02
N ARG A 195 0.76 -10.79 -17.18
CA ARG A 195 0.37 -10.24 -18.47
C ARG A 195 0.01 -8.78 -18.28
N MET A 196 0.39 -7.96 -19.25
CA MET A 196 0.04 -6.54 -19.25
C MET A 196 -1.50 -6.43 -19.29
N ILE A 197 -2.02 -5.39 -18.64
CA ILE A 197 -3.40 -4.97 -18.88
C ILE A 197 -3.39 -3.57 -19.49
N THR A 198 -4.57 -3.05 -19.81
CA THR A 198 -4.69 -1.69 -20.30
C THR A 198 -3.93 -0.74 -19.38
N PRO A 199 -3.11 0.16 -19.95
CA PRO A 199 -2.43 1.15 -19.13
C PRO A 199 -3.43 2.19 -18.59
N MET A 200 -3.12 2.74 -17.41
CA MET A 200 -3.86 3.88 -16.90
C MET A 200 -3.78 5.06 -17.89
N ASN A 201 -4.68 6.01 -17.70
CA ASN A 201 -4.68 7.24 -18.42
C ASN A 201 -3.70 8.24 -17.82
N THR A 202 -3.11 7.95 -16.67
CA THR A 202 -2.19 8.86 -16.01
C THR A 202 -0.94 8.10 -15.56
N ILE A 203 0.24 8.67 -15.74
CA ILE A 203 1.46 8.12 -15.12
C ILE A 203 1.34 8.30 -13.60
N ARG A 204 1.50 7.22 -12.85
CA ARG A 204 1.41 7.30 -11.40
C ARG A 204 2.45 6.41 -10.73
N SER A 205 3.30 7.03 -9.90
CA SER A 205 4.23 6.32 -9.04
C SER A 205 3.99 6.73 -7.59
N GLY A 206 3.96 5.76 -6.67
CA GLY A 206 3.65 6.03 -5.26
C GLY A 206 2.21 6.46 -5.08
N ALA A 207 1.36 5.87 -5.88
CA ALA A 207 -0.09 6.09 -5.81
C ALA A 207 -0.66 5.22 -4.70
N GLY A 208 -1.93 5.43 -4.35
CA GLY A 208 -2.66 4.46 -3.55
C GLY A 208 -3.53 3.60 -4.45
N VAL A 209 -3.43 2.29 -4.28
CA VAL A 209 -4.17 1.38 -5.15
C VAL A 209 -4.96 0.39 -4.28
N CYS A 210 -6.24 0.23 -4.59
CA CYS A 210 -7.13 -0.65 -3.81
C CYS A 210 -8.27 -1.17 -4.67
N VAL A 211 -9.06 -2.07 -4.12
CA VAL A 211 -10.19 -2.61 -4.85
CA VAL A 211 -10.19 -2.63 -4.85
C VAL A 211 -11.49 -2.24 -4.14
N LEU A 212 -12.48 -1.93 -4.95
CA LEU A 212 -13.81 -1.69 -4.47
C LEU A 212 -14.79 -2.16 -5.55
N HIS A 213 -15.70 -3.04 -5.14
CA HIS A 213 -16.66 -3.66 -6.05
C HIS A 213 -15.88 -4.39 -7.14
N ASN A 214 -16.14 -4.10 -8.41
CA ASN A 214 -15.46 -4.81 -9.48
C ASN A 214 -14.33 -3.97 -10.07
N CYS A 215 -13.84 -2.95 -9.34
CA CYS A 215 -12.89 -2.02 -9.92
C CYS A 215 -11.60 -1.89 -9.09
N ILE A 216 -10.47 -1.74 -9.81
CA ILE A 216 -9.20 -1.32 -9.21
CA ILE A 216 -9.20 -1.32 -9.21
C ILE A 216 -9.10 0.21 -9.32
N TYR A 217 -8.94 0.84 -8.18
CA TYR A 217 -8.77 2.25 -8.08
C TYR A 217 -7.29 2.58 -7.91
N ALA A 218 -6.89 3.65 -8.59
CA ALA A 218 -5.58 4.25 -8.41
C ALA A 218 -5.81 5.75 -8.12
N ALA A 219 -5.41 6.16 -6.92
CA ALA A 219 -5.57 7.48 -6.39
C ALA A 219 -4.20 8.13 -6.23
N GLY A 220 -4.06 9.31 -6.83
CA GLY A 220 -2.87 10.15 -6.59
C GLY A 220 -1.60 9.56 -7.19
N GLY A 221 -0.46 9.85 -6.54
CA GLY A 221 0.84 9.45 -7.04
C GLY A 221 1.63 10.65 -7.52
N TYR A 222 2.81 10.35 -8.05
CA TYR A 222 3.72 11.29 -8.64
C TYR A 222 3.89 10.88 -10.12
N ASP A 223 3.82 11.86 -11.03
CA ASP A 223 3.83 11.57 -12.47
C ASP A 223 5.16 11.93 -13.12
N GLY A 224 6.14 12.32 -12.31
CA GLY A 224 7.37 12.84 -12.83
C GLY A 224 7.50 14.35 -12.65
N GLN A 225 6.39 15.09 -12.62
CA GLN A 225 6.45 16.56 -12.44
C GLN A 225 5.66 17.00 -11.20
N ASP A 226 4.49 16.41 -10.94
CA ASP A 226 3.57 16.92 -9.92
C ASP A 226 2.97 15.78 -9.12
N GLN A 227 2.67 16.05 -7.85
CA GLN A 227 1.83 15.16 -7.08
C GLN A 227 0.41 15.31 -7.63
N LEU A 228 -0.34 14.22 -7.64
CA LEU A 228 -1.64 14.13 -8.31
C LEU A 228 -2.77 14.09 -7.28
N ASN A 229 -3.88 14.74 -7.62
CA ASN A 229 -5.16 14.56 -6.90
C ASN A 229 -6.08 13.62 -7.71
N SER A 230 -5.72 13.26 -8.95
CA SER A 230 -6.67 12.59 -9.83
C SER A 230 -6.87 11.16 -9.35
N VAL A 231 -7.99 10.55 -9.73
CA VAL A 231 -8.34 9.18 -9.32
C VAL A 231 -9.02 8.46 -10.49
N GLU A 232 -8.56 7.25 -10.79
CA GLU A 232 -9.16 6.51 -11.90
C GLU A 232 -9.32 5.03 -11.51
N ARG A 233 -10.23 4.38 -12.19
CA ARG A 233 -10.54 3.02 -11.82
C ARG A 233 -10.64 2.14 -13.06
N TYR A 234 -10.16 0.91 -12.88
CA TYR A 234 -10.14 -0.09 -13.93
C TYR A 234 -11.26 -1.09 -13.65
N ASP A 235 -12.14 -1.23 -14.62
CA ASP A 235 -13.19 -2.22 -14.57
C ASP A 235 -12.72 -3.50 -15.27
N VAL A 236 -12.58 -4.60 -14.51
CA VAL A 236 -12.00 -5.83 -15.06
C VAL A 236 -12.87 -6.36 -16.20
N GLU A 237 -14.17 -6.09 -16.19
CA GLU A 237 -15.03 -6.63 -17.26
C GLU A 237 -14.87 -5.82 -18.56
N THR A 238 -14.66 -4.52 -18.46
CA THR A 238 -14.59 -3.65 -19.64
C THR A 238 -13.14 -3.41 -20.07
N GLU A 239 -12.19 -3.61 -19.15
CA GLU A 239 -10.75 -3.46 -19.43
C GLU A 239 -10.43 -1.99 -19.74
N THR A 240 -11.18 -1.08 -19.14
CA THR A 240 -10.94 0.32 -19.36
C THR A 240 -10.82 1.02 -18.02
N TRP A 241 -10.06 2.13 -18.05
CA TRP A 241 -9.89 3.03 -16.93
C TRP A 241 -10.77 4.27 -17.12
N THR A 242 -11.42 4.69 -16.05
CA THR A 242 -12.28 5.86 -16.05
C THR A 242 -11.88 6.74 -14.87
N PHE A 243 -11.72 8.04 -15.09
CA PHE A 243 -11.51 8.98 -13.99
C PHE A 243 -12.80 9.12 -13.18
N VAL A 244 -12.65 9.21 -11.88
CA VAL A 244 -13.75 9.61 -11.01
C VAL A 244 -13.38 10.97 -10.40
N ALA A 245 -14.11 11.41 -9.39
CA ALA A 245 -13.84 12.70 -8.78
C ALA A 245 -12.44 12.70 -8.15
N PRO A 246 -11.73 13.82 -8.25
CA PRO A 246 -10.40 13.92 -7.66
C PRO A 246 -10.47 14.11 -6.15
N MET A 247 -9.40 13.72 -5.47
CA MET A 247 -9.25 13.94 -4.04
C MET A 247 -9.11 15.45 -3.80
N ARG A 248 -9.35 15.84 -2.56
CA ARG A 248 -9.29 17.23 -2.13
C ARG A 248 -7.81 17.67 -2.08
N HIS A 249 -6.92 16.72 -1.81
CA HIS A 249 -5.46 16.99 -1.75
C HIS A 249 -4.71 16.23 -2.85
N HIS A 250 -3.79 16.94 -3.48
CA HIS A 250 -2.76 16.26 -4.26
C HIS A 250 -1.92 15.42 -3.29
N ARG A 251 -1.53 14.19 -3.64
CA ARG A 251 -0.71 13.41 -2.72
C ARG A 251 0.05 12.31 -3.45
N SER A 252 1.33 12.20 -3.14
CA SER A 252 2.08 11.00 -3.39
C SER A 252 2.46 10.30 -2.07
N ALA A 253 2.77 9.02 -2.16
CA ALA A 253 3.14 8.16 -0.99
C ALA A 253 2.05 8.19 0.09
N LEU A 254 0.82 8.10 -0.39
CA LEU A 254 -0.36 7.98 0.46
C LEU A 254 -0.55 6.51 0.85
N GLY A 255 -1.21 6.34 1.98
CA GLY A 255 -1.77 5.07 2.36
C GLY A 255 -3.21 5.02 1.88
N ILE A 256 -3.71 3.81 1.60
CA ILE A 256 -5.07 3.66 1.15
C ILE A 256 -5.60 2.33 1.69
N THR A 257 -6.89 2.31 2.00
CA THR A 257 -7.57 1.10 2.35
C THR A 257 -9.08 1.23 2.14
N VAL A 258 -9.77 0.12 2.28
CA VAL A 258 -11.22 0.07 2.22
C VAL A 258 -11.76 -0.33 3.59
N HIS A 259 -12.76 0.39 4.04
CA HIS A 259 -13.46 0.12 5.27
C HIS A 259 -14.95 0.35 4.98
N GLN A 260 -15.74 -0.69 5.19
CA GLN A 260 -17.20 -0.75 4.94
C GLN A 260 -17.59 -0.01 3.66
N GLY A 261 -16.98 -0.39 2.53
CA GLY A 261 -17.47 0.00 1.18
C GLY A 261 -17.03 1.39 0.77
N LYS A 262 -16.10 1.95 1.55
CA LYS A 262 -15.56 3.28 1.29
C LYS A 262 -14.04 3.19 1.25
N ILE A 263 -13.47 3.99 0.36
CA ILE A 263 -12.04 4.16 0.26
C ILE A 263 -11.59 5.26 1.23
N TYR A 264 -10.54 4.97 1.99
CA TYR A 264 -9.89 5.98 2.81
C TYR A 264 -8.46 6.16 2.33
N VAL A 265 -8.03 7.41 2.21
CA VAL A 265 -6.65 7.72 1.90
C VAL A 265 -6.07 8.53 3.07
N LEU A 266 -4.82 8.20 3.39
CA LEU A 266 -4.16 8.66 4.59
C LEU A 266 -2.78 9.27 4.26
N GLY A 267 -2.63 10.55 4.56
CA GLY A 267 -1.34 11.19 4.53
C GLY A 267 -0.77 11.30 3.13
N GLY A 268 0.56 11.28 3.06
CA GLY A 268 1.29 11.50 1.83
C GLY A 268 1.92 12.88 1.80
N TYR A 269 2.46 13.21 0.63
CA TYR A 269 3.22 14.42 0.44
C TYR A 269 2.61 15.18 -0.74
N ASP A 270 2.35 16.48 -0.59
CA ASP A 270 1.68 17.26 -1.62
C ASP A 270 2.60 18.21 -2.37
N GLY A 271 3.92 18.02 -2.25
CA GLY A 271 4.90 18.95 -2.79
C GLY A 271 5.31 20.03 -1.80
N HIS A 272 4.65 20.10 -0.65
CA HIS A 272 4.83 21.23 0.31
C HIS A 272 4.81 20.71 1.75
N THR A 273 3.81 19.91 2.08
CA THR A 273 3.52 19.50 3.42
C THR A 273 3.50 17.96 3.48
N PHE A 274 3.95 17.40 4.60
CA PHE A 274 3.62 16.02 4.93
C PHE A 274 2.23 16.01 5.56
N LEU A 275 1.28 15.41 4.84
CA LEU A 275 -0.15 15.65 5.08
C LEU A 275 -0.59 14.86 6.30
N ASP A 276 -1.40 15.44 7.15
CA ASP A 276 -2.16 14.65 8.12
C ASP A 276 -3.58 14.34 7.60
N SER A 277 -3.93 14.84 6.42
CA SER A 277 -5.30 14.70 5.93
C SER A 277 -5.64 13.23 5.71
N VAL A 278 -6.80 12.82 6.25
CA VAL A 278 -7.48 11.56 5.87
C VAL A 278 -8.78 11.94 5.15
N GLU A 279 -8.93 11.45 3.93
CA GLU A 279 -10.13 11.67 3.09
C GLU A 279 -10.83 10.34 2.81
N CYS A 280 -12.15 10.35 2.62
CA CYS A 280 -12.81 9.13 2.18
C CYS A 280 -13.70 9.41 0.97
N TYR A 281 -13.80 8.38 0.14
CA TYR A 281 -14.52 8.45 -1.12
C TYR A 281 -15.82 7.65 -1.00
N ASP A 282 -16.91 8.26 -1.40
CA ASP A 282 -18.21 7.62 -1.45
C ASP A 282 -18.55 7.37 -2.93
N PRO A 283 -18.48 6.11 -3.39
CA PRO A 283 -18.66 5.80 -4.80
C PRO A 283 -20.08 6.14 -5.28
N ASP A 284 -21.07 6.02 -4.41
CA ASP A 284 -22.45 6.31 -4.84
C ASP A 284 -22.69 7.79 -5.14
N SER A 285 -22.07 8.71 -4.39
CA SER A 285 -22.22 10.17 -4.68
C SER A 285 -21.01 10.68 -5.49
N ASP A 286 -19.98 9.84 -5.66
CA ASP A 286 -18.74 10.26 -6.37
C ASP A 286 -18.16 11.51 -5.73
N THR A 287 -18.01 11.47 -4.40
CA THR A 287 -17.47 12.63 -3.68
C THR A 287 -16.43 12.14 -2.66
N TRP A 288 -15.43 12.99 -2.50
CA TRP A 288 -14.39 12.85 -1.47
C TRP A 288 -14.73 13.80 -0.32
N SER A 289 -14.51 13.38 0.90
CA SER A 289 -14.63 14.31 1.97
C SER A 289 -13.58 14.05 3.04
N GLU A 290 -13.22 15.14 3.70
CA GLU A 290 -12.31 15.13 4.84
C GLU A 290 -12.94 14.26 5.95
N VAL A 291 -12.20 13.37 6.58
CA VAL A 291 -12.80 12.45 7.57
C VAL A 291 -12.22 12.67 8.97
N THR A 292 -10.94 12.98 9.06
CA THR A 292 -10.20 13.04 10.31
C THR A 292 -8.78 13.47 9.94
N ARG A 293 -7.96 13.72 10.93
CA ARG A 293 -6.57 14.02 10.72
C ARG A 293 -5.78 12.99 11.50
N MET A 294 -4.74 12.47 10.89
CA MET A 294 -3.76 11.70 11.59
C MET A 294 -3.20 12.60 12.70
N THR A 295 -2.64 11.98 13.72
CA THR A 295 -2.14 12.69 14.87
C THR A 295 -0.91 13.52 14.47
N SER A 296 -0.28 13.19 13.35
CA SER A 296 0.85 13.97 12.85
C SER A 296 1.03 13.72 11.36
N GLY A 297 1.42 14.73 10.59
CA GLY A 297 1.60 14.54 9.16
C GLY A 297 2.73 13.56 8.82
N ARG A 298 2.51 12.72 7.82
CA ARG A 298 3.52 11.71 7.46
C ARG A 298 3.21 11.18 6.05
N SER A 299 4.24 10.65 5.40
CA SER A 299 4.07 9.96 4.10
C SER A 299 4.61 8.55 4.21
N GLY A 300 4.32 7.74 3.20
CA GLY A 300 4.91 6.40 3.02
C GLY A 300 4.50 5.41 4.11
N VAL A 301 3.25 5.51 4.60
CA VAL A 301 2.76 4.60 5.64
C VAL A 301 2.30 3.29 4.99
N GLY A 302 2.13 2.29 5.85
CA GLY A 302 1.39 1.08 5.53
C GLY A 302 0.04 1.11 6.24
N VAL A 303 -1.00 0.65 5.54
CA VAL A 303 -2.37 0.70 6.04
C VAL A 303 -3.09 -0.62 5.80
N ALA A 304 -3.85 -1.04 6.81
CA ALA A 304 -4.77 -2.18 6.64
C ALA A 304 -5.87 -2.12 7.72
N VAL A 305 -6.86 -3.02 7.58
CA VAL A 305 -8.04 -3.01 8.45
C VAL A 305 -8.17 -4.38 9.13
N THR A 306 -8.40 -4.34 10.43
CA THR A 306 -8.71 -5.54 11.20
C THR A 306 -9.45 -5.14 12.49
N MET A 307 -9.71 -6.16 13.30
CA MET A 307 -10.43 -6.06 14.60
C MET A 307 -9.73 -5.07 15.56
N GLU A 308 -10.53 -4.59 16.50
CA GLU A 308 -10.09 -3.77 17.62
C GLU A 308 -9.21 -4.59 18.55
N PRO A 309 -8.24 -3.94 19.20
CA PRO A 309 -7.49 -4.63 20.27
C PRO A 309 -8.37 -4.88 21.50
N CYS A 310 -8.96 -6.08 21.60
CA CYS A 310 -9.82 -6.52 22.73
C CYS A 310 -11.09 -5.66 22.83
S DMS B . 8.06 13.32 -4.49
O DMS B . 6.57 13.11 -4.40
C1 DMS B . 8.79 12.36 -3.19
C2 DMS B . 8.61 12.35 -5.87
CL CL C . 12.88 6.07 0.68
C1 5VX D . 9.22 13.49 0.05
C3 5VX D . 10.74 11.55 0.01
C6 5VX D . 8.59 9.83 0.97
C7 5VX D . 9.34 9.31 2.01
C8 5VX D . 9.48 7.94 2.17
C10 5VX D . 8.10 7.59 0.21
C11 5VX D . 7.97 8.97 0.08
C12 5VX D . 7.43 6.69 -0.76
C13 5VX D . 6.54 5.69 -0.37
C14 5VX D . 5.95 4.89 -1.33
C15 5VX D . 6.27 5.09 -2.65
C16 5VX D . 7.17 6.09 -2.95
N18 5VX D . 7.59 6.40 -4.26
C21 5VX D . 8.11 7.29 -6.20
C22 5VX D . 8.36 8.15 -7.38
C25 5VX D . 7.57 7.57 -4.94
C26 5VX D . 7.04 8.86 -4.37
N2 5VX D . 9.41 12.07 0.28
C4 5VX D . 8.42 11.31 0.76
O5 5VX D . 7.32 11.79 1.04
C9 5VX D . 8.86 7.09 1.27
N17 5VX D . 7.74 6.88 -2.05
N19 5VX D . 8.11 5.37 -5.00
C20 5VX D . 8.43 5.92 -6.16
O23 5VX D . 8.26 7.66 -8.52
O24 5VX D . 8.68 9.34 -7.15
F27 5VX D . 5.98 8.64 -3.60
F28 5VX D . 7.92 9.51 -3.63
F29 5VX D . 6.64 9.70 -5.32
H31 5VX D . 9.54 13.72 -0.84
H32 5VX D . 9.73 14.00 0.71
H30 5VX D . 8.28 13.72 0.12
H35 5VX D . 10.98 11.73 -0.91
H33 5VX D . 10.76 10.59 0.17
H34 5VX D . 11.39 12.00 0.60
H36 5VX D . 9.77 9.90 2.63
H37 5VX D . 9.99 7.59 2.88
H39 5VX D . 7.46 9.33 -0.65
H40 5VX D . 6.32 5.58 0.56
H41 5VX D . 5.34 4.20 -1.08
H42 5VX D . 5.88 4.55 -3.34
H38 5VX D . 8.95 6.14 1.36
H43 5VX D . 8.81 5.44 -6.87
#